data_3EK3
#
_entry.id   3EK3
#
_cell.length_a   40.610
_cell.length_b   83.730
_cell.length_c   116.510
_cell.angle_alpha   90.00
_cell.angle_beta   90.00
_cell.angle_gamma   90.00
#
_symmetry.space_group_name_H-M   'C 2 2 21'
#
loop_
_entity.id
_entity.type
_entity.pdbx_description
1 polymer Nitroreductase
2 non-polymer 'FLAVIN MONONUCLEOTIDE'
3 non-polymer 'UNKNOWN LIGAND'
4 non-polymer (4S)-2-METHYL-2,4-PENTANEDIOL
5 water water
#
_entity_poly.entity_id   1
_entity_poly.type   'polypeptide(L)'
_entity_poly.pdbx_seq_one_letter_code
;G(MSE)KTNEVLETIKARRSVRAYDRKQIPADDLNAILEAGAYAPSG(MSE)HYETWHFTAVCNTVKLEELNERIKGAFA
KSDDKHLRERGHSETYCCYYHAPTLVIVSNEPKQWWAG(MSE)DCACAIEN(MSE)FLAATSLGIASCWINQLGTTCDDP
EVRAYLTSLGVPENHKVYGCVALGYKAEGALLKEKTVKAGTITIVE
;
_entity_poly.pdbx_strand_id   A
#
loop_
_chem_comp.id
_chem_comp.type
_chem_comp.name
_chem_comp.formula
FMN non-polymer 'FLAVIN MONONUCLEOTIDE' 'C17 H21 N4 O9 P'
MPD non-polymer (4S)-2-METHYL-2,4-PENTANEDIOL 'C6 H14 O2'
UNL non-polymer 'UNKNOWN LIGAND' ?
#
# COMPACT_ATOMS: atom_id res chain seq x y z
N THR A 4 13.42 15.62 -20.38
CA THR A 4 13.24 15.13 -18.97
C THR A 4 13.28 16.18 -17.87
N ASN A 5 12.87 15.78 -16.67
CA ASN A 5 12.94 16.61 -15.48
C ASN A 5 12.85 15.72 -14.24
N GLU A 6 12.95 16.27 -13.04
CA GLU A 6 13.01 15.42 -11.85
C GLU A 6 11.70 14.64 -11.69
N VAL A 7 10.58 15.26 -12.00
CA VAL A 7 9.29 14.54 -11.89
C VAL A 7 9.23 13.34 -12.83
N LEU A 8 9.54 13.57 -14.08
CA LEU A 8 9.53 12.53 -15.08
C LEU A 8 10.48 11.40 -14.72
N GLU A 9 11.67 11.75 -14.23
CA GLU A 9 12.64 10.74 -13.86
CA GLU A 9 12.68 10.78 -13.81
C GLU A 9 12.19 9.96 -12.62
N THR A 10 11.53 10.62 -11.68
CA THR A 10 11.06 9.97 -10.46
C THR A 10 9.95 9.02 -10.83
N ILE A 11 9.11 9.44 -11.76
CA ILE A 11 8.03 8.56 -12.24
C ILE A 11 8.59 7.26 -12.86
N LYS A 12 9.58 7.36 -13.74
CA LYS A 12 10.24 6.18 -14.29
C LYS A 12 11.00 5.36 -13.27
N ALA A 13 11.53 6.00 -12.22
CA ALA A 13 12.38 5.32 -11.24
C ALA A 13 11.58 4.59 -10.17
N ARG A 14 10.33 4.96 -9.98
CA ARG A 14 9.46 4.31 -8.99
C ARG A 14 9.32 2.83 -9.28
N ARG A 15 9.63 2.01 -8.26
CA ARG A 15 9.52 0.56 -8.41
C ARG A 15 8.83 -0.04 -7.19
N SER A 16 8.28 -1.24 -7.38
CA SER A 16 7.75 -2.00 -6.29
C SER A 16 8.85 -2.81 -5.61
N VAL A 17 9.12 -2.46 -4.34
CA VAL A 17 10.20 -3.08 -3.58
C VAL A 17 9.61 -4.02 -2.52
N ARG A 18 10.20 -5.21 -2.39
CA ARG A 18 9.64 -6.29 -1.57
C ARG A 18 10.66 -6.88 -0.61
N ALA A 19 11.69 -6.10 -0.31
CA ALA A 19 12.67 -6.46 0.71
C ALA A 19 13.10 -5.16 1.35
N TYR A 20 12.98 -5.08 2.68
CA TYR A 20 13.14 -3.85 3.42
C TYR A 20 14.15 -3.98 4.54
N ASP A 21 14.89 -2.89 4.77
CA ASP A 21 15.68 -2.74 5.97
C ASP A 21 14.78 -2.60 7.18
N ARG A 22 15.34 -2.88 8.36
CA ARG A 22 14.56 -2.68 9.59
C ARG A 22 14.39 -1.21 10.00
N LYS A 23 15.20 -0.29 9.49
CA LYS A 23 15.14 1.08 9.99
C LYS A 23 13.82 1.75 9.57
N GLN A 24 13.14 2.31 10.57
CA GLN A 24 11.94 3.08 10.35
C GLN A 24 12.27 4.35 9.60
N ILE A 25 11.33 4.82 8.80
CA ILE A 25 11.52 6.05 8.07
C ILE A 25 11.31 7.23 9.02
N PRO A 26 11.89 8.38 8.68
CA PRO A 26 11.76 9.57 9.51
C PRO A 26 10.35 10.16 9.51
N ALA A 27 9.95 10.71 10.65
CA ALA A 27 8.62 11.29 10.82
C ALA A 27 8.33 12.37 9.77
N ASP A 28 9.32 13.21 9.46
CA ASP A 28 9.12 14.29 8.48
CA ASP A 28 9.19 14.30 8.47
C ASP A 28 8.85 13.72 7.08
N ASP A 29 9.56 12.66 6.70
CA ASP A 29 9.31 11.98 5.42
C ASP A 29 7.93 11.34 5.39
N LEU A 30 7.55 10.69 6.47
CA LEU A 30 6.23 10.08 6.51
C LEU A 30 5.19 11.16 6.34
N ASN A 31 5.32 12.29 7.04
CA ASN A 31 4.34 13.38 6.90
C ASN A 31 4.25 13.93 5.47
N ALA A 32 5.39 14.09 4.84
CA ALA A 32 5.47 14.58 3.45
C ALA A 32 4.80 13.61 2.49
N ILE A 33 5.01 12.32 2.72
CA ILE A 33 4.40 11.28 1.88
C ILE A 33 2.87 11.24 2.08
N LEU A 34 2.41 11.32 3.31
CA LEU A 34 0.99 11.32 3.56
C LEU A 34 0.32 12.57 3.01
N GLU A 35 0.99 13.70 3.12
CA GLU A 35 0.47 14.94 2.60
C GLU A 35 0.32 14.83 1.08
N ALA A 36 1.27 14.15 0.45
CA ALA A 36 1.24 13.99 -1.00
C ALA A 36 -0.02 13.21 -1.41
N GLY A 37 -0.32 12.12 -0.68
CA GLY A 37 -1.58 11.39 -0.85
C GLY A 37 -2.81 12.27 -0.69
N ALA A 38 -2.81 13.09 0.38
CA ALA A 38 -3.90 14.03 0.67
C ALA A 38 -4.21 15.03 -0.44
N TYR A 39 -3.16 15.40 -1.19
CA TYR A 39 -3.27 16.32 -2.33
C TYR A 39 -3.68 15.69 -3.68
N ALA A 40 -3.90 14.37 -3.67
CA ALA A 40 -4.44 13.68 -4.84
C ALA A 40 -5.84 14.21 -5.22
N PRO A 41 -6.18 14.08 -6.50
CA PRO A 41 -7.50 14.46 -6.91
C PRO A 41 -8.47 13.45 -6.35
N SER A 42 -9.67 13.90 -6.04
CA SER A 42 -10.79 13.00 -5.68
C SER A 42 -12.05 13.44 -6.34
N GLY A 43 -12.92 12.47 -6.67
CA GLY A 43 -14.14 12.78 -7.37
C GLY A 43 -14.95 13.74 -6.54
N MSE A 44 -15.42 14.81 -7.18
CA MSE A 44 -16.26 15.86 -6.54
C MSE A 44 -15.56 16.57 -5.39
O MSE A 44 -16.22 17.24 -4.56
CB MSE A 44 -17.59 15.23 -6.07
CG MSE A 44 -18.41 14.69 -7.22
SE MSE A 44 -19.15 16.12 -8.29
CE MSE A 44 -20.17 16.98 -6.93
N HIS A 45 -14.23 16.46 -5.30
CA HIS A 45 -13.46 16.90 -4.15
C HIS A 45 -14.10 16.36 -2.84
N TYR A 46 -14.65 15.16 -2.87
CA TYR A 46 -15.23 14.64 -1.63
C TYR A 46 -14.22 14.38 -0.50
N GLU A 47 -12.98 14.03 -0.83
CA GLU A 47 -11.97 13.71 0.20
C GLU A 47 -12.51 12.80 1.31
N THR A 48 -13.25 11.76 0.92
CA THR A 48 -13.84 10.87 1.90
C THR A 48 -12.86 9.78 2.36
N TRP A 49 -11.70 9.72 1.71
CA TRP A 49 -10.67 8.74 2.03
C TRP A 49 -10.14 8.91 3.45
N HIS A 50 -9.49 7.86 3.94
CA HIS A 50 -8.70 7.94 5.16
C HIS A 50 -7.39 7.21 4.92
N PHE A 51 -6.34 7.73 5.55
CA PHE A 51 -5.00 7.21 5.45
C PHE A 51 -4.55 6.85 6.86
N THR A 52 -4.43 5.55 7.14
CA THR A 52 -4.06 5.06 8.47
C THR A 52 -2.65 4.50 8.36
N ALA A 53 -1.67 5.31 8.82
CA ALA A 53 -0.29 4.94 8.75
C ALA A 53 0.09 4.13 9.99
N VAL A 54 0.37 2.85 9.80
CA VAL A 54 0.72 1.98 10.90
C VAL A 54 2.23 1.76 10.90
N CYS A 55 2.88 2.25 11.96
CA CYS A 55 4.32 2.25 12.09
C CYS A 55 4.84 1.32 13.16
N ASN A 56 3.97 0.47 13.69
CA ASN A 56 4.30 -0.34 14.84
C ASN A 56 4.44 -1.79 14.39
N THR A 57 5.63 -2.35 14.55
CA THR A 57 5.91 -3.70 14.06
C THR A 57 5.01 -4.74 14.66
N VAL A 58 4.73 -4.64 15.96
CA VAL A 58 3.83 -5.61 16.63
C VAL A 58 2.46 -5.59 15.99
N LYS A 59 1.90 -4.40 15.79
CA LYS A 59 0.55 -4.31 15.21
C LYS A 59 0.54 -4.77 13.76
N LEU A 60 1.59 -4.48 13.01
CA LEU A 60 1.66 -4.96 11.62
C LEU A 60 1.63 -6.50 11.56
N GLU A 61 2.39 -7.13 12.45
CA GLU A 61 2.43 -8.56 12.51
C GLU A 61 1.08 -9.14 12.90
N GLU A 62 0.39 -8.54 13.86
CA GLU A 62 -0.93 -8.99 14.25
C GLU A 62 -1.96 -8.88 13.10
N LEU A 63 -1.91 -7.77 12.39
CA LEU A 63 -2.79 -7.55 11.25
C LEU A 63 -2.53 -8.60 10.16
N ASN A 64 -1.26 -8.86 9.89
CA ASN A 64 -0.89 -9.91 8.94
C ASN A 64 -1.41 -11.28 9.37
N GLU A 65 -1.37 -11.59 10.68
CA GLU A 65 -1.97 -12.83 11.17
C GLU A 65 -3.45 -12.91 10.90
N ARG A 66 -4.16 -11.80 11.06
CA ARG A 66 -5.60 -11.76 10.81
CA ARG A 66 -5.59 -11.84 10.81
C ARG A 66 -5.88 -11.95 9.32
N ILE A 67 -5.07 -11.33 8.48
CA ILE A 67 -5.20 -11.48 7.02
C ILE A 67 -4.95 -12.93 6.63
N LYS A 68 -3.90 -13.55 7.20
CA LYS A 68 -3.67 -14.99 7.03
C LYS A 68 -4.86 -15.80 7.50
N GLY A 69 -5.44 -15.43 8.64
CA GLY A 69 -6.61 -16.13 9.13
C GLY A 69 -7.80 -16.12 8.18
N ALA A 70 -8.02 -14.97 7.53
CA ALA A 70 -9.05 -14.81 6.50
C ALA A 70 -8.73 -15.71 5.30
N PHE A 71 -7.50 -15.62 4.81
CA PHE A 71 -7.03 -16.50 3.73
C PHE A 71 -7.15 -17.99 4.04
N ALA A 72 -6.90 -18.38 5.30
CA ALA A 72 -7.03 -19.79 5.68
C ALA A 72 -8.46 -20.29 5.44
N LYS A 73 -9.43 -19.39 5.50
CA LYS A 73 -10.84 -19.71 5.24
C LYS A 73 -11.18 -19.87 3.76
N SER A 74 -10.29 -19.42 2.88
CA SER A 74 -10.57 -19.43 1.44
C SER A 74 -10.51 -20.81 0.80
N ASP A 75 -11.00 -20.90 -0.44
CA ASP A 75 -10.85 -22.11 -1.27
C ASP A 75 -9.71 -22.00 -2.27
N ASP A 76 -9.35 -20.77 -2.67
CA ASP A 76 -8.21 -20.56 -3.56
CA ASP A 76 -8.21 -20.55 -3.56
C ASP A 76 -6.95 -21.17 -2.95
N LYS A 77 -6.39 -22.16 -3.65
CA LYS A 77 -5.17 -22.85 -3.23
C LYS A 77 -4.09 -21.87 -2.83
N HIS A 78 -3.84 -20.88 -3.70
CA HIS A 78 -2.78 -19.91 -3.41
C HIS A 78 -3.07 -19.16 -2.08
N LEU A 79 -4.35 -18.90 -1.78
CA LEU A 79 -4.72 -18.15 -0.57
C LEU A 79 -4.65 -19.02 0.69
N ARG A 80 -5.13 -20.26 0.63
CA ARG A 80 -4.94 -21.21 1.75
C ARG A 80 -3.46 -21.41 2.09
N GLU A 81 -2.62 -21.48 1.07
CA GLU A 81 -1.19 -21.61 1.27
C GLU A 81 -0.61 -20.45 2.04
N ARG A 82 -1.05 -19.23 1.72
CA ARG A 82 -0.62 -18.07 2.49
C ARG A 82 -1.14 -18.15 3.93
N GLY A 83 -2.39 -18.57 4.06
CA GLY A 83 -3.05 -18.55 5.34
C GLY A 83 -2.41 -19.51 6.32
N HIS A 84 -1.87 -20.61 5.79
CA HIS A 84 -1.27 -21.66 6.64
C HIS A 84 0.24 -21.56 6.70
N SER A 85 0.79 -20.54 6.06
CA SER A 85 2.23 -20.25 6.10
C SER A 85 2.67 -19.77 7.48
N GLU A 86 3.90 -20.07 7.84
CA GLU A 86 4.51 -19.50 9.06
C GLU A 86 5.42 -18.35 8.69
N THR A 87 5.55 -18.05 7.41
CA THR A 87 6.49 -17.03 6.95
C THR A 87 5.86 -15.92 6.10
N TYR A 88 4.76 -16.20 5.43
CA TYR A 88 4.11 -15.20 4.58
C TYR A 88 3.85 -13.90 5.32
N CYS A 89 4.32 -12.80 4.74
CA CYS A 89 4.07 -11.46 5.23
C CYS A 89 3.69 -10.59 4.05
N CYS A 90 2.42 -10.18 3.99
CA CYS A 90 1.94 -9.45 2.85
C CYS A 90 2.64 -8.13 2.63
N TYR A 91 3.19 -7.53 3.70
CA TYR A 91 3.84 -6.22 3.57
C TYR A 91 5.37 -6.31 3.59
N TYR A 92 5.89 -7.52 3.44
CA TYR A 92 7.34 -7.72 3.27
C TYR A 92 8.20 -7.17 4.40
N HIS A 93 7.68 -7.13 5.62
CA HIS A 93 8.40 -6.62 6.77
C HIS A 93 8.86 -5.19 6.63
N ALA A 94 8.16 -4.42 5.78
CA ALA A 94 8.31 -2.98 5.77
C ALA A 94 8.00 -2.41 7.17
N PRO A 95 8.75 -1.37 7.61
CA PRO A 95 8.49 -0.81 8.95
C PRO A 95 7.20 0.01 9.09
N THR A 96 6.62 0.42 7.96
CA THR A 96 5.40 1.24 7.89
C THR A 96 4.49 0.70 6.78
N LEU A 97 3.21 0.59 7.11
CA LEU A 97 2.17 0.32 6.13
C LEU A 97 1.07 1.36 6.25
N VAL A 98 0.77 2.03 5.15
CA VAL A 98 -0.34 3.00 5.11
C VAL A 98 -1.56 2.34 4.50
N ILE A 99 -2.59 2.22 5.32
CA ILE A 99 -3.84 1.64 4.88
C ILE A 99 -4.71 2.74 4.27
N VAL A 100 -5.08 2.60 3.00
CA VAL A 100 -5.80 3.68 2.30
C VAL A 100 -7.23 3.16 2.10
N SER A 101 -8.19 3.84 2.74
CA SER A 101 -9.58 3.36 2.76
C SER A 101 -10.51 4.45 2.23
N ASN A 102 -11.74 4.06 1.88
CA ASN A 102 -12.71 5.05 1.42
C ASN A 102 -14.06 4.47 1.65
N GLU A 103 -15.08 5.33 1.72
CA GLU A 103 -16.44 4.86 1.70
C GLU A 103 -16.74 4.37 0.30
N PRO A 104 -17.51 3.30 0.19
CA PRO A 104 -17.79 2.70 -1.10
C PRO A 104 -19.02 3.30 -1.85
N LYS A 105 -19.52 4.43 -1.38
CA LYS A 105 -20.70 5.09 -1.96
C LYS A 105 -20.58 5.34 -3.47
N GLN A 106 -19.49 5.90 -3.91
CA GLN A 106 -19.30 6.25 -5.34
C GLN A 106 -18.56 5.17 -6.06
N TRP A 107 -18.84 4.99 -7.36
CA TRP A 107 -18.27 3.85 -8.08
C TRP A 107 -16.79 4.00 -8.27
N TRP A 108 -16.33 5.25 -8.24
CA TRP A 108 -14.92 5.58 -8.41
C TRP A 108 -14.13 5.62 -7.09
N ALA A 109 -14.74 5.14 -6.01
CA ALA A 109 -14.08 5.16 -4.67
C ALA A 109 -12.63 4.64 -4.68
N GLY A 110 -12.40 3.54 -5.38
CA GLY A 110 -11.07 2.97 -5.42
C GLY A 110 -10.12 3.78 -6.27
N MSE A 111 -10.64 4.46 -7.28
CA MSE A 111 -9.76 5.30 -8.09
C MSE A 111 -9.29 6.51 -7.31
O MSE A 111 -8.11 6.91 -7.44
CB MSE A 111 -10.42 5.65 -9.44
CG MSE A 111 -10.71 4.42 -10.28
SE MSE A 111 -11.12 4.77 -12.12
CE MSE A 111 -12.55 5.99 -11.76
N ASP A 112 -10.14 7.12 -6.48
CA ASP A 112 -9.62 8.15 -5.57
C ASP A 112 -8.39 7.61 -4.84
N CYS A 113 -8.54 6.45 -4.22
CA CYS A 113 -7.50 5.85 -3.40
C CYS A 113 -6.24 5.60 -4.19
N ALA A 114 -6.39 5.10 -5.43
CA ALA A 114 -5.24 4.81 -6.28
C ALA A 114 -4.48 6.07 -6.61
N CYS A 115 -5.22 7.16 -6.82
CA CYS A 115 -4.53 8.45 -7.08
C CYS A 115 -3.67 8.88 -5.89
N ALA A 116 -4.25 8.78 -4.71
CA ALA A 116 -3.56 9.08 -3.45
C ALA A 116 -2.32 8.19 -3.31
N ILE A 117 -2.51 6.91 -3.57
CA ILE A 117 -1.46 5.93 -3.43
C ILE A 117 -0.32 6.23 -4.38
N GLU A 118 -0.63 6.53 -5.65
CA GLU A 118 0.40 6.86 -6.63
C GLU A 118 1.20 8.08 -6.20
N ASN A 119 0.54 9.11 -5.70
CA ASN A 119 1.27 10.27 -5.12
C ASN A 119 2.27 9.86 -4.02
N MSE A 120 1.81 9.01 -3.12
CA MSE A 120 2.62 8.55 -2.00
C MSE A 120 3.85 7.79 -2.49
O MSE A 120 4.97 8.05 -2.01
CB MSE A 120 1.77 7.65 -1.11
CG MSE A 120 0.78 8.40 -0.30
SE MSE A 120 0.03 7.25 1.12
CE MSE A 120 -1.54 8.30 1.51
N PHE A 121 3.68 6.90 -3.47
CA PHE A 121 4.81 6.17 -4.09
C PHE A 121 5.85 7.14 -4.64
N LEU A 122 5.35 8.13 -5.38
CA LEU A 122 6.22 9.11 -6.01
C LEU A 122 6.90 10.03 -4.99
N ALA A 123 6.13 10.48 -4.01
CA ALA A 123 6.68 11.21 -2.89
C ALA A 123 7.80 10.38 -2.22
N ALA A 124 7.51 9.12 -1.94
CA ALA A 124 8.48 8.23 -1.28
C ALA A 124 9.72 8.09 -2.13
N THR A 125 9.55 7.84 -3.42
CA THR A 125 10.71 7.68 -4.31
C THR A 125 11.54 8.94 -4.29
N SER A 126 10.89 10.11 -4.32
CA SER A 126 11.66 11.38 -4.34
C SER A 126 12.47 11.61 -3.08
N LEU A 127 12.15 10.88 -2.01
CA LEU A 127 12.83 10.97 -0.72
C LEU A 127 13.77 9.80 -0.41
N GLY A 128 14.01 8.95 -1.41
CA GLY A 128 14.81 7.73 -1.23
C GLY A 128 14.20 6.59 -0.44
N ILE A 129 12.88 6.64 -0.32
CA ILE A 129 12.10 5.68 0.44
CA ILE A 129 12.10 5.67 0.45
C ILE A 129 11.41 4.71 -0.52
N ALA A 130 11.68 3.42 -0.34
CA ALA A 130 11.07 2.36 -1.14
C ALA A 130 9.63 2.20 -0.76
N SER A 131 8.85 1.66 -1.70
CA SER A 131 7.43 1.44 -1.50
C SER A 131 6.93 0.27 -2.32
N CYS A 132 5.75 -0.19 -1.97
CA CYS A 132 5.01 -1.21 -2.74
C CYS A 132 3.53 -1.15 -2.44
N TRP A 133 2.69 -1.40 -3.46
CA TRP A 133 1.27 -1.61 -3.29
C TRP A 133 1.10 -2.94 -2.58
N ILE A 134 0.37 -2.94 -1.48
CA ILE A 134 -0.03 -4.14 -0.78
C ILE A 134 -1.56 -4.25 -0.89
N ASN A 135 -2.03 -5.27 -1.63
CA ASN A 135 -3.47 -5.39 -1.99
C ASN A 135 -4.28 -6.34 -1.13
N GLN A 136 -3.67 -6.96 -0.12
CA GLN A 136 -4.32 -8.09 0.54
C GLN A 136 -5.48 -7.72 1.45
N LEU A 137 -5.63 -6.43 1.79
CA LEU A 137 -6.83 -6.03 2.58
C LEU A 137 -8.09 -5.77 1.72
N GLY A 138 -7.99 -5.68 0.40
CA GLY A 138 -9.19 -5.47 -0.42
C GLY A 138 -10.24 -6.52 -0.25
N THR A 139 -9.84 -7.79 -0.30
CA THR A 139 -10.83 -8.90 -0.23
C THR A 139 -10.97 -9.45 1.19
N THR A 140 -10.16 -8.97 2.10
CA THR A 140 -10.18 -9.46 3.48
C THR A 140 -10.69 -8.46 4.53
N CYS A 141 -10.83 -7.17 4.17
CA CYS A 141 -11.18 -6.15 5.14
C CYS A 141 -12.54 -6.34 5.85
N ASP A 142 -13.44 -7.12 5.27
CA ASP A 142 -14.71 -7.42 5.91
C ASP A 142 -14.72 -8.75 6.63
N ASP A 143 -13.61 -9.48 6.63
CA ASP A 143 -13.52 -10.64 7.52
C ASP A 143 -13.65 -10.11 8.95
N PRO A 144 -14.47 -10.76 9.77
CA PRO A 144 -14.75 -10.24 11.11
C PRO A 144 -13.51 -9.94 11.94
N GLU A 145 -12.53 -10.85 11.98
CA GLU A 145 -11.34 -10.58 12.76
C GLU A 145 -10.44 -9.51 12.15
N VAL A 146 -10.31 -9.50 10.82
CA VAL A 146 -9.54 -8.44 10.17
C VAL A 146 -10.24 -7.11 10.45
N ARG A 147 -11.56 -7.08 10.28
CA ARG A 147 -12.28 -5.81 10.45
C ARG A 147 -12.15 -5.27 11.88
N ALA A 148 -12.30 -6.16 12.86
CA ALA A 148 -12.11 -5.73 14.24
C ALA A 148 -10.74 -5.09 14.44
N TYR A 149 -9.71 -5.66 13.81
CA TYR A 149 -8.34 -5.13 13.89
C TYR A 149 -8.25 -3.76 13.23
N LEU A 150 -8.81 -3.63 12.03
CA LEU A 150 -8.80 -2.35 11.31
C LEU A 150 -9.48 -1.25 12.12
N THR A 151 -10.63 -1.57 12.67
CA THR A 151 -11.35 -0.63 13.55
C THR A 151 -10.51 -0.15 14.73
N SER A 152 -9.78 -1.08 15.33
CA SER A 152 -8.95 -0.77 16.50
CA SER A 152 -8.93 -0.80 16.48
C SER A 152 -7.80 0.16 16.07
N LEU A 153 -7.36 0.02 14.83
CA LEU A 153 -6.30 0.89 14.29
C LEU A 153 -6.82 2.27 13.89
N GLY A 154 -8.13 2.41 13.74
CA GLY A 154 -8.70 3.71 13.36
C GLY A 154 -9.21 3.81 11.94
N VAL A 155 -9.24 2.69 11.21
CA VAL A 155 -9.91 2.68 9.90
C VAL A 155 -11.44 2.81 10.12
N PRO A 156 -12.08 3.80 9.46
CA PRO A 156 -13.51 3.93 9.65
C PRO A 156 -14.29 2.69 9.31
N GLU A 157 -15.27 2.38 10.14
CA GLU A 157 -16.04 1.16 9.98
C GLU A 157 -16.84 1.10 8.70
N ASN A 158 -17.18 2.26 8.14
CA ASN A 158 -17.94 2.35 6.90
C ASN A 158 -17.05 2.40 5.65
N HIS A 159 -15.74 2.23 5.83
CA HIS A 159 -14.82 2.26 4.71
C HIS A 159 -14.48 0.87 4.29
N LYS A 160 -14.15 0.70 3.02
CA LYS A 160 -13.45 -0.48 2.55
C LYS A 160 -12.01 -0.10 2.30
N VAL A 161 -11.12 -1.09 2.29
CA VAL A 161 -9.70 -0.80 2.10
C VAL A 161 -9.42 -1.05 0.61
N TYR A 162 -9.08 0.00 -0.13
CA TYR A 162 -8.82 -0.13 -1.57
C TYR A 162 -7.34 -0.42 -1.93
N GLY A 163 -6.41 0.03 -1.11
CA GLY A 163 -5.02 -0.39 -1.24
C GLY A 163 -4.17 0.04 -0.06
N CYS A 164 -3.00 -0.58 0.09
CA CYS A 164 -2.07 -0.17 1.12
C CYS A 164 -0.69 0.12 0.51
N VAL A 165 0.05 0.97 1.21
CA VAL A 165 1.39 1.35 0.83
C VAL A 165 2.40 0.92 1.87
N ALA A 166 3.28 -0.03 1.50
CA ALA A 166 4.42 -0.36 2.31
C ALA A 166 5.44 0.73 2.11
N LEU A 167 6.08 1.12 3.20
CA LEU A 167 7.14 2.12 3.11
C LEU A 167 8.34 1.74 3.95
N GLY A 168 9.53 2.07 3.45
CA GLY A 168 10.78 1.75 4.14
C GLY A 168 11.98 2.01 3.27
N TYR A 169 13.14 1.57 3.74
CA TYR A 169 14.33 1.57 2.92
C TYR A 169 14.53 0.20 2.30
N LYS A 170 14.90 0.18 1.02
CA LYS A 170 15.23 -1.07 0.36
C LYS A 170 16.36 -1.77 1.13
N ALA A 171 16.18 -3.07 1.33
CA ALA A 171 17.17 -3.91 1.97
C ALA A 171 18.49 -3.79 1.26
N GLU A 172 19.56 -3.75 2.04
CA GLU A 172 20.90 -3.71 1.51
C GLU A 172 21.11 -4.91 0.58
N GLY A 173 21.61 -4.63 -0.64
CA GLY A 173 21.84 -5.69 -1.61
C GLY A 173 20.62 -6.30 -2.31
N ALA A 174 19.43 -5.78 -2.03
CA ALA A 174 18.24 -6.16 -2.79
C ALA A 174 18.35 -5.52 -4.17
N LEU A 175 18.39 -6.37 -5.20
CA LEU A 175 18.47 -5.89 -6.59
C LEU A 175 17.12 -6.05 -7.27
N LEU A 176 16.75 -5.07 -8.08
CA LEU A 176 15.50 -5.08 -8.84
CA LEU A 176 15.50 -5.15 -8.82
C LEU A 176 15.76 -5.57 -10.26
N LYS A 177 14.79 -6.25 -10.85
CA LYS A 177 14.79 -6.54 -12.28
C LYS A 177 14.83 -5.21 -13.06
N GLU A 178 15.62 -5.09 -14.12
CA GLU A 178 15.55 -3.90 -14.98
C GLU A 178 14.10 -3.69 -15.45
N LYS A 179 13.62 -2.44 -15.45
CA LYS A 179 12.26 -2.14 -15.91
C LYS A 179 12.21 -1.78 -17.39
N THR A 180 11.30 -2.46 -18.08
CA THR A 180 10.89 -2.11 -19.43
C THR A 180 9.36 -2.13 -19.44
N VAL A 181 8.78 -1.32 -20.34
CA VAL A 181 7.31 -1.29 -20.47
C VAL A 181 6.86 -1.88 -21.81
N LYS A 182 5.60 -2.33 -21.82
CA LYS A 182 5.00 -2.93 -23.00
C LYS A 182 4.83 -1.89 -24.12
N ALA A 183 5.41 -2.18 -25.27
CA ALA A 183 5.18 -1.37 -26.45
C ALA A 183 3.83 -1.74 -27.06
N GLY A 184 3.04 -0.71 -27.37
CA GLY A 184 1.76 -0.87 -28.05
C GLY A 184 0.54 -0.51 -27.21
N THR A 185 0.75 -0.07 -25.98
CA THR A 185 -0.31 0.40 -25.12
C THR A 185 -0.79 1.78 -25.54
N ILE A 186 0.01 2.51 -26.32
CA ILE A 186 -0.34 3.88 -26.74
C ILE A 186 -0.82 3.94 -28.19
N THR A 187 -1.96 4.62 -28.40
CA THR A 187 -2.48 4.99 -29.72
C THR A 187 -2.60 6.52 -29.70
N ILE A 188 -2.06 7.17 -30.73
CA ILE A 188 -2.25 8.61 -30.91
C ILE A 188 -3.07 8.85 -32.17
N VAL A 189 -4.12 9.63 -32.02
CA VAL A 189 -5.02 9.95 -33.09
C VAL A 189 -4.87 11.43 -33.34
N GLU A 190 -4.25 11.76 -34.47
CA GLU A 190 -3.82 13.13 -34.72
C GLU A 190 -4.97 14.00 -35.15
N1 FMN B . 2.69 -5.89 -5.45
C2 FMN B . 2.76 -6.75 -4.38
O2 FMN B . 3.84 -7.22 -4.02
N3 FMN B . 1.63 -7.18 -3.72
C4 FMN B . 0.41 -6.73 -4.12
O4 FMN B . -0.55 -6.95 -3.35
C4A FMN B . 0.34 -5.83 -5.18
N5 FMN B . -0.88 -5.35 -5.58
C5A FMN B . -1.00 -4.43 -6.61
C6 FMN B . -2.26 -3.95 -6.96
C7 FMN B . -2.40 -2.99 -7.97
C7M FMN B . -3.74 -2.30 -8.21
C8 FMN B . -1.25 -2.51 -8.60
C8M FMN B . -1.33 -1.18 -9.33
C9 FMN B . 0.00 -3.00 -8.24
C9A FMN B . 0.16 -3.96 -7.25
N10 FMN B . 1.40 -4.49 -6.88
C10 FMN B . 1.49 -5.37 -5.84
C1' FMN B . 2.67 -4.00 -7.53
C2' FMN B . 2.78 -4.55 -8.95
O2' FMN B . 3.14 -5.92 -8.92
C3' FMN B . 3.88 -3.77 -9.67
O3' FMN B . 3.41 -2.45 -9.86
C4' FMN B . 4.22 -4.35 -11.05
O4' FMN B . 4.84 -5.62 -10.91
C5' FMN B . 5.15 -3.42 -11.83
O5' FMN B . 6.38 -3.27 -11.13
P FMN B . 6.95 -1.82 -10.68
O1P FMN B . 6.90 -0.93 -11.87
O2P FMN B . 8.34 -2.02 -10.04
O3P FMN B . 5.98 -1.21 -9.70
O1 UNL C . -3.17 -7.93 -6.96
O2 UNL C . -1.30 -7.97 -7.86
O3 UNL C . 0.56 -7.82 -8.01
O4 UNL C . 1.23 -7.48 -8.48
O5 UNL C . 1.44 -8.79 -6.67
O6 UNL C . -0.75 -9.31 -5.97
O7 UNL C . 0.72 -10.35 -4.55
O8 UNL C . 2.64 -10.09 -5.18
C1 MPD D . 7.38 -7.93 -13.24
C2 MPD D . 8.84 -7.48 -13.22
O2 MPD D . 9.28 -7.43 -11.82
CM MPD D . 9.69 -8.48 -13.94
C3 MPD D . 9.06 -6.16 -13.91
C4 MPD D . 8.29 -4.96 -13.36
O4 MPD D . 8.63 -4.64 -12.02
C5 MPD D . 8.54 -3.75 -14.25
C1 MPD E . -14.52 -4.79 -4.95
C1 MPD E . -13.34 -5.44 -5.34
C2 MPD E . -13.88 -5.73 -3.93
C2 MPD E . -13.51 -5.68 -3.85
O2 MPD E . -14.85 -6.03 -2.91
O2 MPD E . -14.92 -5.96 -3.65
CM MPD E . -13.49 -7.04 -4.61
CM MPD E . -12.72 -6.93 -3.47
C3 MPD E . -12.67 -5.08 -3.26
C3 MPD E . -13.07 -4.46 -3.03
C4 MPD E . -13.01 -4.03 -2.19
C4 MPD E . -13.92 -4.05 -1.81
O4 MPD E . -11.92 -3.18 -1.93
O4 MPD E . -13.30 -4.44 -0.58
C5 MPD E . -14.18 -3.14 -2.58
C5 MPD E . -14.09 -2.54 -1.77
C1 MPD F . 6.03 -10.97 -10.95
C2 MPD F . 4.87 -10.48 -10.09
O2 MPD F . 4.62 -9.08 -10.45
CM MPD F . 3.62 -11.31 -10.33
C3 MPD F . 5.30 -10.54 -8.63
C4 MPD F . 4.17 -10.42 -7.59
O4 MPD F . 4.38 -9.27 -6.78
C5 MPD F . 2.76 -10.33 -8.16
#